data_2F6B
#
_entry.id   2F6B
#
_cell.length_a   73.421
_cell.length_b   77.281
_cell.length_c   79.233
_cell.angle_alpha   90.00
_cell.angle_beta   90.00
_cell.angle_gamma   90.00
#
_symmetry.space_group_name_H-M   'P 21 21 21'
#
loop_
_entity.id
_entity.type
_entity.pdbx_description
1 polymer 'Family 11 Xylanase'
2 water water
#
_entity_poly.entity_id   1
_entity_poly.type   'polypeptide(L)'
_entity_poly.pdbx_seq_one_letter_code
;TIVTDNSTGNHDGYDYEFWKDSGGSGTMILNSGGTFSASWNNVNNILFRKGKKFNETQTHQQVGNMSINYGANFQPNGNA
YLCVYGWTVDPLVEYYIVDSWGNWRPPGATPKGTITVDGGTYDIYETLRVNQPSIKGIATFKQYWSVRRSKRTSGTISVS
NHFRAWENLGMNMGKMYEVALTVEGYQSSGSANVYSNTLRINGNPL
;
_entity_poly.pdbx_strand_id   A,B
#
# COMPACT_ATOMS: atom_id res chain seq x y z
N THR A 1 -18.43 6.18 -23.58
CA THR A 1 -19.17 4.99 -23.10
C THR A 1 -18.48 4.28 -21.84
N ILE A 2 -19.25 3.51 -21.05
CA ILE A 2 -18.86 3.12 -19.67
C ILE A 2 -17.99 1.89 -19.60
N VAL A 3 -16.90 1.97 -18.83
CA VAL A 3 -16.01 0.82 -18.65
C VAL A 3 -15.94 0.51 -17.17
N THR A 4 -16.24 -0.72 -16.79
CA THR A 4 -16.14 -1.08 -15.37
C THR A 4 -15.36 -2.36 -15.16
N ASP A 5 -14.47 -2.67 -16.10
CA ASP A 5 -13.73 -3.88 -16.01
C ASP A 5 -12.56 -3.84 -16.95
N ASN A 6 -11.53 -4.63 -16.71
CA ASN A 6 -10.31 -4.63 -17.53
C ASN A 6 -10.62 -4.66 -19.01
N SER A 7 -10.15 -3.61 -19.66
CA SER A 7 -10.55 -3.27 -21.00
C SER A 7 -9.47 -2.36 -21.60
N THR A 8 -9.13 -2.63 -22.86
CA THR A 8 -8.02 -1.97 -23.52
C THR A 8 -8.53 -1.53 -24.90
N GLY A 9 -8.91 -0.28 -25.12
CA GLY A 9 -9.35 0.11 -26.45
C GLY A 9 -8.80 1.40 -27.01
N ASN A 10 -9.52 1.97 -27.97
CA ASN A 10 -9.23 3.30 -28.54
C ASN A 10 -10.51 4.11 -28.60
N HIS A 11 -10.47 5.36 -28.15
CA HIS A 11 -11.68 6.15 -28.10
C HIS A 11 -11.27 7.55 -28.47
N ASP A 12 -11.91 8.14 -29.49
CA ASP A 12 -11.63 9.51 -29.96
C ASP A 12 -10.13 9.71 -30.25
N GLY A 13 -9.47 8.67 -30.73
CA GLY A 13 -8.06 8.78 -31.09
C GLY A 13 -7.04 8.58 -29.99
N TYR A 14 -7.50 8.56 -28.73
CA TYR A 14 -6.69 8.25 -27.54
C TYR A 14 -6.79 6.77 -27.17
N ASP A 15 -5.67 6.13 -26.90
CA ASP A 15 -5.70 4.78 -26.39
C ASP A 15 -6.02 4.85 -24.93
N TYR A 16 -6.99 4.05 -24.48
CA TYR A 16 -7.42 4.09 -23.08
C TYR A 16 -7.14 2.75 -22.47
N GLU A 17 -7.06 2.68 -21.14
CA GLU A 17 -6.98 1.42 -20.43
C GLU A 17 -7.59 1.54 -19.03
N PHE A 18 -8.39 0.55 -18.68
CA PHE A 18 -8.93 0.39 -17.35
C PHE A 18 -8.25 -0.88 -16.86
N TRP A 19 -7.53 -0.82 -15.74
CA TRP A 19 -6.99 -2.04 -15.19
C TRP A 19 -7.12 -2.10 -13.69
N LYS A 20 -7.67 -3.19 -13.18
CA LYS A 20 -7.74 -3.39 -11.75
C LYS A 20 -7.56 -4.85 -11.46
N ASP A 21 -7.02 -5.12 -10.29
CA ASP A 21 -6.99 -6.48 -9.81
C ASP A 21 -8.25 -6.74 -8.96
N SER A 22 -8.16 -7.77 -8.15
CA SER A 22 -9.32 -8.33 -7.52
C SER A 22 -9.75 -7.54 -6.29
N GLY A 23 -11.04 -7.28 -6.19
CA GLY A 23 -11.59 -6.60 -5.04
C GLY A 23 -11.95 -5.18 -5.38
N GLY A 24 -12.98 -4.69 -4.72
CA GLY A 24 -13.45 -3.36 -4.95
C GLY A 24 -14.01 -3.17 -6.33
N SER A 25 -14.39 -1.96 -6.65
CA SER A 25 -15.06 -1.69 -7.89
C SER A 25 -14.49 -0.41 -8.52
N GLY A 26 -14.76 -0.19 -9.79
CA GLY A 26 -14.26 0.99 -10.46
C GLY A 26 -15.15 1.28 -11.64
N THR A 27 -15.31 2.55 -11.96
CA THR A 27 -16.06 2.97 -13.13
C THR A 27 -15.27 4.02 -13.90
N MET A 28 -14.91 3.75 -15.15
CA MET A 28 -14.31 4.77 -16.01
C MET A 28 -15.32 5.15 -17.08
N ILE A 29 -15.65 6.43 -17.21
CA ILE A 29 -16.52 6.92 -18.27
C ILE A 29 -15.66 7.64 -19.31
N LEU A 30 -15.72 7.18 -20.56
CA LEU A 30 -14.94 7.75 -21.65
C LEU A 30 -15.60 9.00 -22.31
N ASN A 31 -14.90 10.13 -22.32
CA ASN A 31 -15.45 11.37 -22.82
C ASN A 31 -14.61 11.86 -24.00
N SER A 32 -14.75 13.13 -24.37
CA SER A 32 -14.15 13.69 -25.61
C SER A 32 -12.64 13.68 -25.62
N GLY A 33 -12.09 13.14 -26.71
CA GLY A 33 -10.67 13.13 -26.92
C GLY A 33 -10.01 12.47 -25.74
N GLY A 34 -9.15 13.23 -25.04
CA GLY A 34 -8.32 12.69 -24.00
C GLY A 34 -8.98 12.58 -22.64
N THR A 35 -10.14 13.22 -22.48
CA THR A 35 -10.84 13.30 -21.19
C THR A 35 -11.57 12.02 -20.74
N PHE A 36 -11.86 11.94 -19.46
CA PHE A 36 -12.53 10.79 -18.89
C PHE A 36 -12.83 11.11 -17.47
N SER A 37 -13.72 10.38 -16.83
CA SER A 37 -13.83 10.46 -15.38
C SER A 37 -13.80 9.08 -14.69
N ALA A 38 -13.38 9.03 -13.44
CA ALA A 38 -13.16 7.76 -12.74
C ALA A 38 -13.66 7.83 -11.32
N SER A 39 -14.23 6.71 -10.87
CA SER A 39 -14.77 6.48 -9.55
C SER A 39 -14.14 5.13 -9.17
N TRP A 40 -13.59 5.02 -7.99
CA TRP A 40 -13.16 3.73 -7.50
C TRP A 40 -13.45 3.54 -6.03
N ASN A 41 -13.75 2.32 -5.69
CA ASN A 41 -14.22 2.06 -4.36
C ASN A 41 -13.63 0.77 -3.78
N ASN A 42 -12.82 0.90 -2.73
CA ASN A 42 -12.22 -0.22 -1.99
C ASN A 42 -11.34 -1.19 -2.77
N VAL A 43 -10.48 -0.62 -3.59
CA VAL A 43 -9.66 -1.40 -4.51
C VAL A 43 -8.30 -1.73 -3.94
N ASN A 44 -7.68 -2.76 -4.47
CA ASN A 44 -6.27 -2.93 -4.25
C ASN A 44 -5.44 -1.96 -5.06
N ASN A 45 -5.47 -2.21 -6.37
CA ASN A 45 -4.73 -1.42 -7.28
C ASN A 45 -5.61 -1.17 -8.48
N ILE A 46 -5.78 0.08 -8.89
CA ILE A 46 -6.54 0.39 -10.10
C ILE A 46 -5.85 1.45 -10.91
N LEU A 47 -5.88 1.35 -12.23
CA LEU A 47 -5.31 2.37 -13.09
C LEU A 47 -6.37 2.76 -14.08
N PHE A 48 -6.56 4.07 -14.29
CA PHE A 48 -7.40 4.56 -15.36
C PHE A 48 -6.47 5.41 -16.19
N ARG A 49 -6.34 5.15 -17.47
CA ARG A 49 -5.54 6.07 -18.26
C ARG A 49 -6.01 6.32 -19.67
N LYS A 50 -5.66 7.51 -20.19
CA LYS A 50 -5.92 7.84 -21.57
C LYS A 50 -4.69 8.54 -22.16
N GLY A 51 -4.06 7.90 -23.14
CA GLY A 51 -2.91 8.48 -23.81
C GLY A 51 -2.61 7.83 -25.16
N LYS A 52 -1.35 7.50 -25.40
CA LYS A 52 -0.96 6.88 -26.64
C LYS A 52 -0.13 5.64 -26.43
N LYS A 53 -0.54 4.56 -27.06
CA LYS A 53 0.27 3.35 -27.09
C LYS A 53 1.12 3.34 -28.36
N PHE A 54 2.34 2.83 -28.24
CA PHE A 54 3.28 2.88 -29.35
C PHE A 54 3.61 1.49 -29.83
N ASN A 55 4.12 1.41 -31.06
CA ASN A 55 4.44 0.12 -31.70
C ASN A 55 5.76 -0.57 -31.23
N GLU A 56 6.53 0.11 -30.37
CA GLU A 56 7.65 -0.49 -29.64
C GLU A 56 9.01 -0.44 -30.38
N THR A 57 9.08 0.36 -31.43
CA THR A 57 10.27 0.36 -32.30
C THR A 57 11.16 1.59 -32.17
N GLN A 58 10.63 2.72 -31.71
CA GLN A 58 11.44 3.94 -31.58
C GLN A 58 11.75 4.41 -30.15
N THR A 59 12.87 5.10 -29.97
CA THR A 59 13.20 5.75 -28.71
C THR A 59 12.40 7.05 -28.56
N HIS A 60 12.51 7.71 -27.42
CA HIS A 60 11.67 8.88 -27.19
C HIS A 60 12.09 10.02 -28.11
N GLN A 61 13.39 10.16 -28.33
CA GLN A 61 13.98 11.18 -29.22
C GLN A 61 13.43 11.04 -30.65
N GLN A 62 13.39 9.79 -31.14
CA GLN A 62 12.80 9.43 -32.42
C GLN A 62 11.31 9.83 -32.48
N VAL A 63 10.51 9.40 -31.50
CA VAL A 63 9.09 9.76 -31.41
C VAL A 63 8.89 11.28 -31.52
N GLY A 64 9.78 12.05 -30.91
CA GLY A 64 9.62 13.48 -30.94
C GLY A 64 9.44 14.05 -29.55
N ASN A 65 9.21 15.35 -29.52
CA ASN A 65 9.06 16.06 -28.27
C ASN A 65 7.60 15.87 -27.79
N MET A 66 7.40 15.38 -26.56
CA MET A 66 6.04 15.18 -26.05
C MET A 66 5.66 16.14 -24.91
N SER A 67 4.41 16.57 -24.92
CA SER A 67 4.00 17.52 -23.92
C SER A 67 2.52 17.29 -23.64
N ILE A 68 2.10 17.39 -22.39
CA ILE A 68 0.70 17.15 -22.05
C ILE A 68 0.05 18.34 -21.37
N ASN A 69 -1.03 18.82 -21.94
CA ASN A 69 -1.76 19.88 -21.28
C ASN A 69 -3.02 19.29 -20.68
N TYR A 70 -3.19 19.40 -19.37
CA TYR A 70 -4.30 18.71 -18.68
C TYR A 70 -4.93 19.56 -17.57
N GLY A 71 -6.10 19.15 -17.14
CA GLY A 71 -6.72 19.72 -15.98
C GLY A 71 -7.56 18.63 -15.37
N ALA A 72 -7.62 18.56 -14.04
CA ALA A 72 -8.30 17.46 -13.39
C ALA A 72 -8.86 17.87 -12.05
N ASN A 73 -10.08 17.42 -11.78
CA ASN A 73 -10.67 17.51 -10.47
C ASN A 73 -10.36 16.20 -9.79
N PHE A 74 -9.33 16.21 -8.93
CA PHE A 74 -8.75 15.01 -8.30
C PHE A 74 -9.15 14.93 -6.83
N GLN A 75 -9.93 13.92 -6.48
CA GLN A 75 -10.47 13.78 -5.14
C GLN A 75 -10.19 12.40 -4.51
N PRO A 76 -8.97 12.08 -4.11
CA PRO A 76 -8.69 10.76 -3.54
C PRO A 76 -9.04 10.69 -2.07
N ASN A 77 -9.68 9.63 -1.63
CA ASN A 77 -9.75 9.38 -0.20
C ASN A 77 -8.79 8.21 0.14
N GLY A 78 -7.54 8.55 0.42
CA GLY A 78 -6.49 7.53 0.62
C GLY A 78 -5.37 7.67 -0.38
N ASN A 79 -4.60 6.59 -0.57
CA ASN A 79 -3.44 6.56 -1.49
C ASN A 79 -3.82 6.52 -3.01
N ALA A 80 -3.44 7.55 -3.77
CA ALA A 80 -3.81 7.67 -5.17
C ALA A 80 -2.86 8.63 -5.84
N TYR A 81 -2.50 8.41 -7.10
CA TYR A 81 -1.68 9.38 -7.82
C TYR A 81 -2.37 10.00 -9.04
N LEU A 82 -1.98 11.22 -9.37
CA LEU A 82 -2.35 11.80 -10.61
C LEU A 82 -1.04 12.08 -11.32
N CYS A 83 -0.88 11.53 -12.51
CA CYS A 83 0.43 11.48 -13.14
C CYS A 83 0.43 11.14 -14.63
N VAL A 84 1.51 11.49 -15.27
CA VAL A 84 1.83 10.86 -16.54
C VAL A 84 2.53 9.52 -16.24
N TYR A 85 2.17 8.50 -16.98
CA TYR A 85 2.58 7.13 -16.71
C TYR A 85 2.79 6.35 -18.02
N GLY A 86 3.66 5.34 -17.96
CA GLY A 86 3.88 4.50 -19.13
C GLY A 86 5.10 3.60 -18.96
N TRP A 87 5.58 3.09 -20.09
CA TRP A 87 6.59 2.04 -20.08
C TRP A 87 7.60 2.24 -21.21
N THR A 88 8.80 1.71 -21.04
CA THR A 88 9.65 1.41 -22.19
C THR A 88 10.00 -0.08 -22.21
N VAL A 89 10.27 -0.59 -23.40
CA VAL A 89 10.85 -1.93 -23.53
C VAL A 89 12.33 -1.85 -23.86
N ASP A 90 13.08 -2.82 -23.32
CA ASP A 90 14.48 -3.02 -23.68
C ASP A 90 15.32 -1.79 -23.44
N PRO A 91 15.59 -1.39 -22.18
CA PRO A 91 15.11 -2.08 -20.97
C PRO A 91 13.63 -1.86 -20.62
N LEU A 92 13.01 -2.86 -20.01
CA LEU A 92 11.72 -2.73 -19.38
C LEU A 92 11.73 -1.67 -18.24
N VAL A 93 10.95 -0.62 -18.43
CA VAL A 93 10.91 0.48 -17.52
C VAL A 93 9.46 0.94 -17.37
N GLU A 94 9.03 1.08 -16.10
CA GLU A 94 7.76 1.66 -15.71
C GLU A 94 8.04 3.05 -15.11
N TYR A 95 7.36 4.09 -15.58
CA TYR A 95 7.77 5.39 -15.15
C TYR A 95 6.59 6.25 -14.78
N TYR A 96 6.83 7.21 -13.89
CA TYR A 96 5.78 8.05 -13.35
C TYR A 96 6.25 9.48 -13.26
N ILE A 97 5.45 10.39 -13.78
CA ILE A 97 5.67 11.79 -13.50
C ILE A 97 4.45 12.26 -12.70
N VAL A 98 4.62 12.44 -11.39
CA VAL A 98 3.49 12.57 -10.47
C VAL A 98 3.24 14.04 -10.12
N ASP A 99 2.04 14.53 -10.38
CA ASP A 99 1.77 15.94 -10.13
C ASP A 99 0.95 16.15 -8.86
N SER A 100 0.20 15.14 -8.48
CA SER A 100 -0.51 15.18 -7.22
C SER A 100 -0.73 13.78 -6.70
N TRP A 101 -1.13 13.69 -5.44
CA TRP A 101 -1.23 12.43 -4.72
C TRP A 101 -2.22 12.61 -3.57
N GLY A 102 -2.59 11.51 -2.93
CA GLY A 102 -3.51 11.51 -1.78
C GLY A 102 -2.80 11.83 -0.47
N ASN A 103 -2.78 10.91 0.46
CA ASN A 103 -2.16 11.24 1.72
C ASN A 103 -0.68 10.93 1.82
N TRP A 104 -0.10 10.29 0.81
CA TRP A 104 1.30 9.84 0.86
C TRP A 104 1.99 10.22 -0.42
N ARG A 105 3.05 11.01 -0.28
CA ARG A 105 3.94 11.35 -1.38
C ARG A 105 4.84 10.14 -1.78
N PRO A 106 4.69 9.62 -2.99
CA PRO A 106 5.46 8.44 -3.41
C PRO A 106 6.89 8.83 -3.71
N PRO A 107 7.81 7.89 -3.91
CA PRO A 107 7.57 6.46 -3.77
C PRO A 107 8.26 5.93 -2.53
N GLY A 108 8.55 6.81 -1.59
CA GLY A 108 9.25 6.49 -0.38
C GLY A 108 10.62 5.88 -0.58
N ALA A 109 11.50 6.57 -1.30
CA ALA A 109 12.86 6.11 -1.47
C ALA A 109 13.79 7.32 -1.32
N THR A 110 15.04 7.19 -1.70
CA THR A 110 15.98 8.31 -1.57
C THR A 110 16.12 9.08 -2.88
N PRO A 111 15.81 10.39 -2.89
CA PRO A 111 15.88 11.20 -4.12
C PRO A 111 17.24 11.07 -4.70
N LYS A 112 17.34 11.03 -6.03
CA LYS A 112 18.61 10.84 -6.70
C LYS A 112 19.04 12.16 -7.28
N GLY A 113 18.19 13.18 -7.21
CA GLY A 113 18.39 14.43 -7.92
C GLY A 113 17.08 15.18 -8.02
N THR A 114 17.10 16.40 -8.55
CA THR A 114 15.88 17.11 -8.86
C THR A 114 15.97 17.63 -10.27
N ILE A 115 14.83 17.67 -10.96
CA ILE A 115 14.64 18.48 -12.17
C ILE A 115 13.73 19.65 -11.81
N THR A 116 14.07 20.87 -12.22
CA THR A 116 13.01 21.89 -12.19
C THR A 116 12.51 22.19 -13.59
N VAL A 117 11.18 22.15 -13.72
CA VAL A 117 10.49 22.19 -14.98
C VAL A 117 9.01 22.54 -14.74
N ASP A 118 8.35 23.07 -15.78
CA ASP A 118 6.94 23.47 -15.68
C ASP A 118 6.56 24.18 -14.40
N GLY A 119 7.37 25.14 -13.97
CA GLY A 119 7.02 25.99 -12.85
C GLY A 119 7.17 25.33 -11.49
N GLY A 120 7.66 24.07 -11.42
CA GLY A 120 7.89 23.44 -10.12
C GLY A 120 9.16 22.61 -9.97
N THR A 121 9.32 21.97 -8.82
CA THR A 121 10.54 21.18 -8.61
C THR A 121 10.17 19.71 -8.42
N TYR A 122 10.87 18.80 -9.08
CA TYR A 122 10.51 17.40 -8.92
C TYR A 122 11.68 16.66 -8.36
N ASP A 123 11.44 15.79 -7.39
CA ASP A 123 12.49 14.91 -6.94
C ASP A 123 12.49 13.72 -7.83
N ILE A 124 13.66 13.19 -8.11
CA ILE A 124 13.82 12.06 -9.01
C ILE A 124 14.14 10.80 -8.19
N TYR A 125 13.60 9.65 -8.58
CA TYR A 125 13.76 8.42 -7.84
C TYR A 125 13.88 7.25 -8.79
N GLU A 126 14.63 6.23 -8.39
CA GLU A 126 14.73 4.97 -9.11
C GLU A 126 14.42 3.88 -8.14
N THR A 127 13.50 3.00 -8.49
CA THR A 127 13.26 1.88 -7.62
C THR A 127 13.29 0.61 -8.41
N LEU A 128 13.34 -0.51 -7.70
CA LEU A 128 13.42 -1.84 -8.30
C LEU A 128 12.20 -2.70 -7.99
N ARG A 129 11.74 -3.40 -9.00
CA ARG A 129 10.59 -4.26 -8.85
C ARG A 129 10.99 -5.63 -9.33
N VAL A 130 10.91 -6.59 -8.42
CA VAL A 130 11.53 -7.91 -8.54
C VAL A 130 10.44 -8.98 -8.70
N ASN A 131 10.42 -9.61 -9.86
CA ASN A 131 9.42 -10.63 -10.22
C ASN A 131 8.04 -10.15 -9.95
N GLN A 132 7.66 -9.12 -10.69
CA GLN A 132 6.38 -8.46 -10.52
C GLN A 132 5.56 -8.49 -11.81
N PRO A 133 4.23 -8.43 -11.73
CA PRO A 133 3.40 -8.32 -12.93
C PRO A 133 3.86 -7.13 -13.78
N SER A 134 3.92 -7.31 -15.09
CA SER A 134 4.32 -6.25 -15.99
C SER A 134 3.60 -6.45 -17.33
N ILE A 135 3.79 -5.49 -18.22
CA ILE A 135 3.25 -5.60 -19.55
C ILE A 135 3.84 -6.81 -20.33
N LYS A 136 5.03 -7.26 -19.93
CA LYS A 136 5.73 -8.36 -20.59
C LYS A 136 5.78 -9.60 -19.69
N GLY A 137 4.71 -9.84 -18.91
CA GLY A 137 4.61 -10.93 -17.95
C GLY A 137 5.34 -10.65 -16.64
N ILE A 138 5.48 -11.66 -15.78
CA ILE A 138 6.26 -11.51 -14.55
C ILE A 138 7.74 -11.25 -14.89
N ALA A 139 8.23 -10.07 -14.52
CA ALA A 139 9.61 -9.68 -14.82
C ALA A 139 10.29 -8.95 -13.66
N THR A 140 11.57 -8.67 -13.83
CA THR A 140 12.32 -7.84 -12.92
C THR A 140 12.66 -6.57 -13.70
N PHE A 141 12.24 -5.42 -13.18
CA PHE A 141 12.38 -4.15 -13.92
C PHE A 141 12.49 -2.95 -13.00
N LYS A 142 12.99 -1.82 -13.52
CA LYS A 142 13.11 -0.56 -12.78
C LYS A 142 11.91 0.37 -12.94
N GLN A 143 11.75 1.27 -11.99
CA GLN A 143 10.76 2.35 -12.07
C GLN A 143 11.49 3.66 -12.00
N TYR A 144 11.17 4.58 -12.88
CA TYR A 144 11.68 5.93 -12.76
C TYR A 144 10.59 6.85 -12.26
N TRP A 145 10.91 7.78 -11.39
CA TRP A 145 9.88 8.63 -10.85
C TRP A 145 10.32 10.04 -10.93
N SER A 146 9.44 10.96 -11.34
CA SER A 146 9.64 12.37 -10.98
C SER A 146 8.44 12.72 -10.15
N VAL A 147 8.65 13.23 -8.93
CA VAL A 147 7.52 13.55 -8.01
C VAL A 147 7.55 15.03 -7.59
N ARG A 148 6.46 15.77 -7.85
CA ARG A 148 6.48 17.20 -7.63
C ARG A 148 6.59 17.50 -6.17
N ARG A 149 7.25 18.61 -5.83
CA ARG A 149 7.36 18.97 -4.42
C ARG A 149 6.04 19.44 -3.77
N SER A 150 5.21 20.16 -4.51
CA SER A 150 3.87 20.43 -4.04
C SER A 150 2.80 20.08 -5.08
N LYS A 151 1.60 19.76 -4.58
CA LYS A 151 0.51 19.24 -5.40
C LYS A 151 0.00 20.22 -6.42
N ARG A 152 -0.26 19.73 -7.62
CA ARG A 152 -0.84 20.51 -8.70
C ARG A 152 -1.70 19.58 -9.53
N THR A 153 -2.89 20.05 -9.96
CA THR A 153 -3.82 19.20 -10.72
C THR A 153 -4.27 19.80 -12.02
N SER A 154 -3.51 20.77 -12.53
CA SER A 154 -3.63 21.24 -13.93
C SER A 154 -2.37 21.99 -14.34
N GLY A 155 -2.10 22.02 -15.64
CA GLY A 155 -0.97 22.73 -16.17
C GLY A 155 -0.39 21.96 -17.32
N THR A 156 0.89 22.23 -17.62
CA THR A 156 1.60 21.46 -18.66
C THR A 156 2.61 20.47 -18.08
N ILE A 157 2.69 19.26 -18.63
CA ILE A 157 3.80 18.41 -18.26
C ILE A 157 4.67 18.26 -19.50
N SER A 158 5.90 18.75 -19.43
CA SER A 158 6.84 18.59 -20.55
C SER A 158 7.49 17.24 -20.43
N VAL A 159 6.75 16.22 -20.81
CA VAL A 159 7.20 14.84 -20.65
C VAL A 159 8.67 14.64 -21.08
N SER A 160 9.05 15.11 -22.26
CA SER A 160 10.40 14.85 -22.79
C SER A 160 11.53 15.46 -21.94
N ASN A 161 11.24 16.60 -21.31
CA ASN A 161 12.19 17.20 -20.38
C ASN A 161 12.53 16.24 -19.24
N HIS A 162 11.51 15.57 -18.71
CA HIS A 162 11.75 14.59 -17.66
C HIS A 162 12.68 13.51 -18.19
N PHE A 163 12.36 12.93 -19.35
CA PHE A 163 13.14 11.84 -19.94
C PHE A 163 14.60 12.25 -20.08
N ARG A 164 14.83 13.38 -20.73
CA ARG A 164 16.18 13.96 -20.83
C ARG A 164 16.89 13.96 -19.49
N ALA A 165 16.23 14.49 -18.46
CA ALA A 165 16.79 14.49 -17.12
C ALA A 165 17.02 13.07 -16.58
N TRP A 166 16.11 12.14 -16.84
CA TRP A 166 16.41 10.79 -16.38
C TRP A 166 17.67 10.25 -17.05
N GLU A 167 17.72 10.29 -18.38
CA GLU A 167 18.92 9.81 -19.11
C GLU A 167 20.20 10.49 -18.63
N ASN A 168 20.07 11.77 -18.30
CA ASN A 168 21.19 12.52 -17.77
C ASN A 168 21.77 12.06 -16.44
N LEU A 169 20.94 11.45 -15.60
CA LEU A 169 21.43 10.94 -14.33
C LEU A 169 21.67 9.47 -14.54
N GLY A 170 21.83 9.09 -15.79
CA GLY A 170 22.18 7.73 -16.12
C GLY A 170 21.07 6.72 -15.87
N MET A 171 19.83 7.16 -15.93
CA MET A 171 18.71 6.26 -15.92
C MET A 171 18.24 6.11 -17.34
N ASN A 172 18.76 5.07 -18.03
CA ASN A 172 18.49 4.92 -19.46
C ASN A 172 17.10 4.38 -19.82
N MET A 173 16.60 4.86 -20.95
CA MET A 173 15.24 4.65 -21.41
C MET A 173 15.26 3.70 -22.59
N GLY A 174 14.27 2.83 -22.70
CA GLY A 174 14.21 1.92 -23.82
C GLY A 174 13.34 2.51 -24.92
N LYS A 175 12.66 1.62 -25.64
CA LYS A 175 11.78 2.08 -26.69
C LYS A 175 10.35 2.33 -26.19
N MET A 176 9.78 3.44 -26.62
CA MET A 176 8.46 3.86 -26.15
C MET A 176 7.41 2.75 -26.29
N TYR A 177 6.76 2.39 -25.19
CA TYR A 177 5.60 1.53 -25.26
C TYR A 177 4.28 2.30 -24.99
N GLU A 178 4.33 3.36 -24.17
CA GLU A 178 3.14 4.12 -23.74
C GLU A 178 3.52 5.43 -23.05
N VAL A 179 2.75 6.47 -23.32
CA VAL A 179 2.73 7.60 -22.44
C VAL A 179 1.26 7.93 -22.22
N ALA A 180 0.78 8.10 -20.98
CA ALA A 180 -0.65 8.35 -20.75
C ALA A 180 -0.88 9.20 -19.52
N LEU A 181 -1.91 10.03 -19.54
CA LEU A 181 -2.33 10.72 -18.31
C LEU A 181 -3.09 9.72 -17.47
N THR A 182 -2.63 9.47 -16.24
CA THR A 182 -3.09 8.32 -15.47
C THR A 182 -3.64 8.72 -14.09
N VAL A 183 -4.74 8.08 -13.68
CA VAL A 183 -5.10 8.07 -12.26
C VAL A 183 -4.87 6.66 -11.71
N GLU A 184 -4.05 6.56 -10.67
CA GLU A 184 -3.78 5.27 -10.07
C GLU A 184 -4.22 5.26 -8.60
N GLY A 185 -4.81 4.17 -8.16
CA GLY A 185 -5.32 4.06 -6.80
C GLY A 185 -4.73 2.85 -6.11
N TYR A 186 -4.34 3.03 -4.86
CA TYR A 186 -3.87 1.93 -4.03
C TYR A 186 -4.61 1.86 -2.68
N GLN A 187 -5.44 0.84 -2.49
CA GLN A 187 -6.08 0.56 -1.20
C GLN A 187 -6.74 1.81 -0.75
N SER A 188 -7.59 2.34 -1.61
CA SER A 188 -8.26 3.63 -1.40
C SER A 188 -9.58 3.62 -2.13
N SER A 189 -10.32 4.69 -1.92
CA SER A 189 -11.45 5.03 -2.76
C SER A 189 -11.20 6.45 -3.26
N GLY A 190 -12.05 6.96 -4.14
CA GLY A 190 -11.92 8.33 -4.57
C GLY A 190 -12.54 8.49 -5.91
N SER A 191 -12.43 9.67 -6.47
CA SER A 191 -12.90 9.93 -7.81
C SER A 191 -11.97 10.96 -8.42
N ALA A 192 -11.89 10.95 -9.74
CA ALA A 192 -11.10 11.92 -10.48
C ALA A 192 -11.90 12.29 -11.74
N ASN A 193 -12.11 13.57 -12.02
CA ASN A 193 -12.67 13.98 -13.30
C ASN A 193 -11.59 14.65 -14.16
N VAL A 194 -11.22 14.06 -15.27
CA VAL A 194 -10.13 14.59 -16.08
C VAL A 194 -10.83 15.37 -17.17
N TYR A 195 -11.09 16.65 -16.90
CA TYR A 195 -11.90 17.49 -17.78
C TYR A 195 -11.09 17.98 -18.92
N SER A 196 -9.76 17.86 -18.83
CA SER A 196 -8.90 18.33 -19.91
C SER A 196 -7.64 17.42 -20.04
N ASN A 197 -7.27 17.03 -21.26
CA ASN A 197 -6.17 16.09 -21.49
C ASN A 197 -5.79 16.04 -22.98
N THR A 198 -4.81 16.83 -23.38
CA THR A 198 -4.35 16.87 -24.76
C THR A 198 -2.90 16.47 -24.79
N LEU A 199 -2.58 15.40 -25.49
CA LEU A 199 -1.19 15.01 -25.71
C LEU A 199 -0.71 15.63 -26.99
N ARG A 200 0.40 16.36 -26.97
CA ARG A 200 1.04 16.87 -28.18
C ARG A 200 2.37 16.20 -28.51
N ILE A 201 2.56 15.80 -29.76
CA ILE A 201 3.88 15.36 -30.24
C ILE A 201 4.45 16.39 -31.23
N ASN A 202 5.60 16.98 -30.94
CA ASN A 202 6.14 18.06 -31.79
C ASN A 202 5.09 19.17 -32.08
N GLY A 203 4.48 19.77 -31.05
CA GLY A 203 3.37 20.71 -31.22
C GLY A 203 2.09 20.12 -31.84
N ASN A 204 2.08 18.83 -32.18
CA ASN A 204 0.98 18.15 -32.91
C ASN A 204 -0.07 17.37 -32.09
N PRO A 205 -1.21 18.00 -31.74
CA PRO A 205 -2.28 17.35 -30.96
C PRO A 205 -2.68 15.94 -31.45
N LEU A 206 -3.64 15.33 -30.76
CA LEU A 206 -4.06 13.98 -31.13
C LEU A 206 -5.56 13.94 -31.46
N THR B 1 11.50 6.07 27.82
CA THR B 1 10.14 6.25 27.31
C THR B 1 10.12 6.17 25.78
N ILE B 2 10.86 7.06 25.10
CA ILE B 2 10.69 7.26 23.66
C ILE B 2 11.59 6.36 22.79
N VAL B 3 10.97 5.68 21.84
CA VAL B 3 11.72 4.87 20.90
C VAL B 3 11.45 5.45 19.51
N THR B 4 12.52 5.77 18.78
CA THR B 4 12.33 6.35 17.45
C THR B 4 12.99 5.59 16.32
N ASP B 5 13.55 4.44 16.64
CA ASP B 5 13.89 3.56 15.55
C ASP B 5 13.93 2.08 15.91
N ASN B 6 14.27 1.21 14.96
CA ASN B 6 14.12 -0.24 15.15
C ASN B 6 14.83 -0.72 16.40
N SER B 7 14.06 -1.33 17.29
CA SER B 7 14.44 -1.52 18.66
C SER B 7 13.47 -2.61 19.19
N THR B 8 13.97 -3.48 20.07
CA THR B 8 13.27 -4.74 20.44
C THR B 8 13.51 -5.03 21.91
N GLY B 9 12.76 -4.38 22.81
CA GLY B 9 13.01 -4.55 24.24
C GLY B 9 11.93 -5.16 25.14
N ASN B 10 12.03 -4.85 26.42
CA ASN B 10 11.07 -5.30 27.42
C ASN B 10 10.86 -4.14 28.36
N HIS B 11 9.60 -3.90 28.70
CA HIS B 11 9.28 -2.71 29.44
C HIS B 11 8.04 -3.05 30.18
N ASP B 12 8.15 -3.02 31.52
CA ASP B 12 7.05 -3.28 32.44
C ASP B 12 6.56 -4.72 32.22
N GLY B 13 7.48 -5.60 31.82
CA GLY B 13 7.15 -7.00 31.64
C GLY B 13 6.45 -7.40 30.34
N TYR B 14 6.09 -6.40 29.50
CA TYR B 14 5.61 -6.59 28.11
C TYR B 14 6.75 -6.49 27.11
N ASP B 15 6.93 -7.50 26.26
CA ASP B 15 7.85 -7.35 25.13
C ASP B 15 7.31 -6.29 24.14
N TYR B 16 8.12 -5.28 23.82
CA TYR B 16 7.72 -4.26 22.84
C TYR B 16 8.52 -4.41 21.54
N GLU B 17 8.02 -3.87 20.43
CA GLU B 17 8.83 -3.75 19.21
C GLU B 17 8.44 -2.56 18.34
N PHE B 18 9.45 -1.83 17.90
CA PHE B 18 9.31 -0.76 16.96
C PHE B 18 9.97 -1.28 15.71
N TRP B 19 9.24 -1.32 14.61
CA TRP B 19 9.84 -1.69 13.35
C TRP B 19 9.35 -0.88 12.17
N LYS B 20 10.30 -0.35 11.40
CA LYS B 20 9.97 0.41 10.19
C LYS B 20 11.07 0.21 9.15
N ASP B 21 10.67 0.13 7.88
CA ASP B 21 11.65 0.18 6.81
C ASP B 21 11.96 1.66 6.50
N SER B 22 12.56 1.90 5.34
CA SER B 22 13.11 3.24 5.23
C SER B 22 12.12 4.25 4.67
N GLY B 23 12.34 5.50 5.08
CA GLY B 23 11.44 6.58 4.73
C GLY B 23 10.46 6.86 5.83
N GLY B 24 10.11 8.15 5.97
CA GLY B 24 9.12 8.60 6.91
C GLY B 24 9.70 8.51 8.30
N SER B 25 8.88 8.78 9.30
CA SER B 25 9.37 8.80 10.68
C SER B 25 8.33 8.18 11.58
N GLY B 26 8.74 7.85 12.80
CA GLY B 26 7.83 7.25 13.76
C GLY B 26 8.38 7.38 15.16
N THR B 27 7.47 7.56 16.11
CA THR B 27 7.82 7.79 17.51
C THR B 27 6.90 6.90 18.31
N MET B 28 7.48 5.95 19.05
CA MET B 28 6.71 5.15 19.99
C MET B 28 7.12 5.53 21.39
N ILE B 29 6.14 5.94 22.21
CA ILE B 29 6.35 6.25 23.63
C ILE B 29 5.87 5.09 24.52
N LEU B 30 6.80 4.46 25.24
CA LEU B 30 6.51 3.40 26.19
C LEU B 30 5.85 3.86 27.54
N ASN B 31 4.60 3.41 27.78
CA ASN B 31 3.90 3.71 29.01
C ASN B 31 3.64 2.45 29.86
N SER B 32 2.82 2.59 30.92
CA SER B 32 2.59 1.54 31.92
C SER B 32 2.12 0.18 31.37
N GLY B 33 2.73 -0.88 31.92
CA GLY B 33 2.47 -2.24 31.49
C GLY B 33 2.38 -2.36 29.99
N GLY B 34 1.18 -2.70 29.51
CA GLY B 34 0.95 -2.94 28.09
C GLY B 34 0.68 -1.72 27.21
N THR B 35 0.40 -0.57 27.81
CA THR B 35 0.10 0.62 27.02
C THR B 35 1.31 1.27 26.26
N PHE B 36 0.98 2.19 25.36
CA PHE B 36 1.94 2.87 24.52
C PHE B 36 1.18 3.77 23.61
N SER B 37 1.85 4.81 23.10
CA SER B 37 1.26 5.63 22.05
C SER B 37 2.22 5.73 20.82
N ALA B 38 1.70 6.12 19.67
CA ALA B 38 2.54 6.08 18.48
C ALA B 38 2.13 7.17 17.58
N SER B 39 3.13 7.72 16.91
CA SER B 39 2.98 8.76 15.91
C SER B 39 3.82 8.28 14.73
N TRP B 40 3.27 8.42 13.52
CA TRP B 40 3.98 8.05 12.33
C TRP B 40 3.66 9.02 11.25
N ASN B 41 4.66 9.28 10.43
CA ASN B 41 4.55 10.29 9.41
C ASN B 41 5.28 9.87 8.12
N ASN B 42 4.49 9.70 7.04
CA ASN B 42 4.92 9.35 5.66
C ASN B 42 5.81 8.07 5.53
N VAL B 43 5.31 6.99 6.11
CA VAL B 43 6.05 5.74 6.17
C VAL B 43 5.64 4.78 5.04
N ASN B 44 6.52 3.80 4.79
CA ASN B 44 6.15 2.70 3.94
C ASN B 44 5.43 1.73 4.77
N ASN B 45 6.20 1.06 5.62
CA ASN B 45 5.63 0.09 6.52
C ASN B 45 6.12 0.29 7.95
N ILE B 46 5.21 0.44 8.93
CA ILE B 46 5.62 0.59 10.34
C ILE B 46 4.80 -0.25 11.29
N LEU B 47 5.46 -0.84 12.28
CA LEU B 47 4.80 -1.67 13.33
C LEU B 47 5.16 -1.14 14.72
N PHE B 48 4.15 -0.85 15.54
CA PHE B 48 4.38 -0.57 16.93
C PHE B 48 3.63 -1.67 17.61
N ARG B 49 4.33 -2.45 18.43
CA ARG B 49 3.66 -3.48 19.21
C ARG B 49 4.11 -3.75 20.64
N LYS B 50 3.14 -4.00 21.51
CA LYS B 50 3.38 -4.43 22.88
C LYS B 50 2.64 -5.71 23.21
N GLY B 51 3.37 -6.80 23.46
CA GLY B 51 2.75 -8.08 23.80
C GLY B 51 3.66 -9.08 24.51
N LYS B 52 3.69 -10.31 24.02
CA LYS B 52 4.61 -11.27 24.59
C LYS B 52 5.33 -12.00 23.46
N LYS B 53 6.65 -12.15 23.61
CA LYS B 53 7.45 -13.06 22.75
C LYS B 53 7.68 -14.37 23.49
N PHE B 54 7.66 -15.46 22.73
CA PHE B 54 7.70 -16.80 23.32
C PHE B 54 8.99 -17.48 22.92
N ASN B 55 9.44 -18.42 23.75
CA ASN B 55 10.67 -19.20 23.47
C ASN B 55 10.64 -20.19 22.25
N GLU B 56 9.49 -20.41 21.64
CA GLU B 56 9.41 -21.08 20.33
C GLU B 56 9.22 -22.61 20.38
N THR B 57 8.93 -23.10 21.59
CA THR B 57 8.82 -24.53 21.83
C THR B 57 7.37 -25.10 21.92
N GLN B 58 6.41 -24.29 22.40
CA GLN B 58 5.03 -24.77 22.64
C GLN B 58 3.97 -24.29 21.60
N THR B 59 2.91 -25.10 21.43
CA THR B 59 1.76 -24.76 20.58
C THR B 59 0.86 -23.85 21.40
N HIS B 60 -0.19 -23.31 20.77
CA HIS B 60 -1.02 -22.35 21.50
C HIS B 60 -1.79 -23.03 22.63
N GLN B 61 -2.26 -24.26 22.35
CA GLN B 61 -2.94 -25.08 23.36
C GLN B 61 -2.04 -25.25 24.60
N GLN B 62 -0.76 -25.57 24.37
CA GLN B 62 0.21 -25.68 25.46
C GLN B 62 0.34 -24.39 26.27
N VAL B 63 0.63 -23.28 25.61
CA VAL B 63 0.71 -21.97 26.28
C VAL B 63 -0.56 -21.68 27.13
N GLY B 64 -1.69 -22.21 26.66
CA GLY B 64 -2.95 -22.00 27.35
C GLY B 64 -3.84 -20.97 26.68
N ASN B 65 -4.88 -20.57 27.39
CA ASN B 65 -5.89 -19.69 26.85
C ASN B 65 -5.43 -18.24 26.94
N MET B 66 -5.34 -17.53 25.80
CA MET B 66 -4.96 -16.11 25.82
C MET B 66 -6.12 -15.19 25.47
N SER B 67 -6.24 -14.10 26.21
CA SER B 67 -7.26 -13.11 25.97
C SER B 67 -6.69 -11.68 26.17
N ILE B 68 -7.11 -10.70 25.35
CA ILE B 68 -6.60 -9.32 25.48
C ILE B 68 -7.71 -8.30 25.77
N ASN B 69 -7.53 -7.53 26.81
CA ASN B 69 -8.48 -6.50 27.07
C ASN B 69 -7.77 -5.23 26.74
N TYR B 70 -8.32 -4.44 25.84
CA TYR B 70 -7.60 -3.24 25.36
C TYR B 70 -8.53 -2.07 25.08
N GLY B 71 -7.96 -0.88 25.03
CA GLY B 71 -8.67 0.29 24.56
C GLY B 71 -7.66 1.15 23.80
N ALA B 72 -8.13 1.90 22.81
CA ALA B 72 -7.22 2.64 21.97
C ALA B 72 -7.90 3.83 21.35
N ASN B 73 -7.21 4.96 21.33
CA ASN B 73 -7.68 6.08 20.56
C ASN B 73 -6.94 6.05 19.21
N PHE B 74 -7.63 5.68 18.15
CA PHE B 74 -6.99 5.24 16.90
C PHE B 74 -7.37 6.23 15.83
N GLN B 75 -6.40 7.02 15.39
CA GLN B 75 -6.63 7.89 14.24
C GLN B 75 -5.64 7.84 13.11
N PRO B 76 -5.89 6.92 12.17
CA PRO B 76 -5.03 6.77 10.99
C PRO B 76 -5.47 7.80 9.96
N ASN B 77 -4.50 8.37 9.26
CA ASN B 77 -4.81 9.12 8.09
C ASN B 77 -4.27 8.30 6.92
N GLY B 78 -5.09 7.39 6.39
CA GLY B 78 -4.60 6.46 5.38
C GLY B 78 -4.78 5.03 5.85
N ASN B 79 -4.04 4.13 5.24
CA ASN B 79 -4.13 2.69 5.49
C ASN B 79 -3.36 2.36 6.79
N ALA B 80 -4.05 1.77 7.77
CA ALA B 80 -3.43 1.37 9.03
C ALA B 80 -4.31 0.34 9.73
N TYR B 81 -3.72 -0.60 10.48
CA TYR B 81 -4.52 -1.59 11.22
C TYR B 81 -4.41 -1.48 12.72
N LEU B 82 -5.46 -1.87 13.41
CA LEU B 82 -5.35 -1.94 14.85
C LEU B 82 -5.75 -3.35 15.09
N CYS B 83 -4.83 -4.13 15.64
CA CYS B 83 -4.99 -5.59 15.61
C CYS B 83 -4.13 -6.35 16.61
N VAL B 84 -4.49 -7.59 16.87
CA VAL B 84 -3.57 -8.48 17.56
C VAL B 84 -2.78 -9.10 16.42
N TYR B 85 -1.47 -9.23 16.65
CA TYR B 85 -0.52 -9.64 15.61
C TYR B 85 0.58 -10.52 16.21
N GLY B 86 1.16 -11.38 15.36
CA GLY B 86 2.22 -12.26 15.80
C GLY B 86 2.47 -13.35 14.78
N TRP B 87 3.18 -14.38 15.23
CA TRP B 87 3.78 -15.40 14.35
C TRP B 87 3.79 -16.77 15.03
N THR B 88 3.69 -17.80 14.19
CA THR B 88 4.13 -19.13 14.61
C THR B 88 5.30 -19.57 13.72
N VAL B 89 6.20 -20.38 14.29
CA VAL B 89 7.20 -21.13 13.49
C VAL B 89 6.74 -22.57 13.23
N ASP B 90 7.08 -23.06 12.04
CA ASP B 90 7.03 -24.50 11.77
C ASP B 90 5.60 -25.08 11.87
N PRO B 91 4.67 -24.67 11.02
CA PRO B 91 4.93 -23.79 9.87
C PRO B 91 5.12 -22.31 10.25
N LEU B 92 5.96 -21.61 9.47
CA LEU B 92 6.03 -20.15 9.57
C LEU B 92 4.64 -19.54 9.18
N VAL B 93 4.10 -18.74 10.11
CA VAL B 93 2.79 -18.12 9.93
C VAL B 93 2.79 -16.73 10.53
N GLU B 94 2.35 -15.77 9.72
CA GLU B 94 2.07 -14.43 10.21
C GLU B 94 0.56 -14.21 10.39
N TYR B 95 0.10 -13.71 11.51
CA TYR B 95 -1.36 -13.66 11.67
C TYR B 95 -1.87 -12.35 12.25
N TYR B 96 -3.10 -12.02 11.90
CA TYR B 96 -3.69 -10.77 12.27
C TYR B 96 -5.06 -11.05 12.73
N ILE B 97 -5.43 -10.40 13.81
CA ILE B 97 -6.82 -10.33 14.20
C ILE B 97 -7.09 -8.83 14.24
N VAL B 98 -7.81 -8.34 13.24
CA VAL B 98 -7.98 -6.91 12.99
C VAL B 98 -9.27 -6.41 13.56
N ASP B 99 -9.21 -5.45 14.46
CA ASP B 99 -10.43 -4.86 15.01
C ASP B 99 -10.86 -3.55 14.37
N SER B 100 -9.90 -2.77 13.90
CA SER B 100 -10.16 -1.53 13.17
C SER B 100 -9.10 -1.23 12.10
N TRP B 101 -9.41 -0.28 11.23
CA TRP B 101 -8.53 0.01 10.11
C TRP B 101 -8.78 1.42 9.60
N GLY B 102 -7.95 1.88 8.68
CA GLY B 102 -8.09 3.21 8.11
C GLY B 102 -9.18 3.23 7.04
N ASN B 103 -8.76 3.52 5.82
CA ASN B 103 -9.76 3.65 4.79
C ASN B 103 -10.01 2.33 4.00
N TRP B 104 -9.14 1.33 4.19
CA TRP B 104 -9.24 0.07 3.47
C TRP B 104 -9.30 -1.12 4.43
N ARG B 105 -10.36 -1.93 4.30
CA ARG B 105 -10.55 -3.13 5.09
C ARG B 105 -9.71 -4.27 4.48
N PRO B 106 -8.74 -4.78 5.23
CA PRO B 106 -7.84 -5.82 4.72
C PRO B 106 -8.52 -7.21 4.68
N PRO B 107 -7.91 -8.22 4.05
CA PRO B 107 -6.68 -8.10 3.27
C PRO B 107 -6.97 -8.12 1.76
N GLY B 108 -8.21 -7.79 1.36
CA GLY B 108 -8.66 -7.90 -0.01
C GLY B 108 -8.36 -9.28 -0.60
N ALA B 109 -9.08 -10.28 -0.13
CA ALA B 109 -9.01 -11.62 -0.72
C ALA B 109 -10.39 -12.25 -0.51
N THR B 110 -10.48 -13.55 -0.75
CA THR B 110 -11.79 -14.21 -0.64
C THR B 110 -12.00 -14.87 0.75
N PRO B 111 -13.07 -14.45 1.49
CA PRO B 111 -13.30 -14.95 2.86
C PRO B 111 -13.43 -16.45 2.81
N LYS B 112 -12.84 -17.12 3.77
CA LYS B 112 -12.88 -18.57 3.80
C LYS B 112 -13.91 -19.09 4.78
N GLY B 113 -14.64 -18.21 5.43
CA GLY B 113 -15.45 -18.57 6.61
C GLY B 113 -15.52 -17.40 7.59
N THR B 114 -16.39 -17.54 8.59
CA THR B 114 -16.57 -16.48 9.57
C THR B 114 -16.49 -17.11 10.93
N ILE B 115 -15.87 -16.43 11.89
CA ILE B 115 -16.06 -16.74 13.31
C ILE B 115 -16.87 -15.65 13.97
N THR B 116 -17.89 -15.98 14.75
CA THR B 116 -18.47 -14.88 15.56
C THR B 116 -18.07 -14.97 17.01
N VAL B 117 -17.54 -13.87 17.52
CA VAL B 117 -16.87 -13.87 18.80
C VAL B 117 -16.78 -12.46 19.27
N ASP B 118 -16.72 -12.26 20.58
CA ASP B 118 -16.51 -10.95 21.20
C ASP B 118 -17.44 -9.92 20.64
N GLY B 119 -18.70 -10.27 20.44
CA GLY B 119 -19.72 -9.28 20.21
C GLY B 119 -19.76 -8.88 18.77
N GLY B 120 -18.98 -9.56 17.91
CA GLY B 120 -18.91 -9.25 16.49
C GLY B 120 -18.67 -10.43 15.57
N THR B 121 -18.61 -10.15 14.27
CA THR B 121 -18.42 -11.21 13.30
C THR B 121 -17.15 -10.94 12.52
N TYR B 122 -16.30 -11.96 12.38
CA TYR B 122 -15.07 -11.74 11.67
C TYR B 122 -15.04 -12.64 10.44
N ASP B 123 -14.63 -12.08 9.31
CA ASP B 123 -14.32 -12.89 8.12
C ASP B 123 -12.93 -13.46 8.27
N ILE B 124 -12.76 -14.70 7.83
CA ILE B 124 -11.46 -15.38 7.92
C ILE B 124 -10.79 -15.46 6.54
N TYR B 125 -9.47 -15.29 6.50
CA TYR B 125 -8.79 -15.20 5.23
C TYR B 125 -7.46 -15.91 5.34
N GLU B 126 -7.01 -16.47 4.23
CA GLU B 126 -5.65 -17.01 4.16
C GLU B 126 -4.98 -16.43 2.94
N THR B 127 -3.77 -15.93 3.11
CA THR B 127 -3.06 -15.38 1.99
C THR B 127 -1.66 -15.94 2.03
N LEU B 128 -1.01 -15.82 0.87
CA LEU B 128 0.33 -16.37 0.66
C LEU B 128 1.36 -15.23 0.52
N ARG B 129 2.51 -15.41 1.16
CA ARG B 129 3.57 -14.44 0.97
C ARG B 129 4.83 -15.14 0.47
N VAL B 130 5.25 -14.71 -0.72
CA VAL B 130 6.27 -15.45 -1.49
C VAL B 130 7.64 -14.74 -1.47
N ASN B 131 8.61 -15.38 -0.80
CA ASN B 131 9.97 -14.81 -0.70
C ASN B 131 9.94 -13.37 -0.16
N GLN B 132 9.41 -13.21 1.05
CA GLN B 132 9.23 -11.91 1.67
C GLN B 132 10.11 -11.85 2.91
N PRO B 133 10.43 -10.64 3.39
CA PRO B 133 11.08 -10.53 4.71
C PRO B 133 10.18 -11.12 5.81
N SER B 134 10.79 -11.80 6.76
CA SER B 134 10.08 -12.40 7.87
C SER B 134 11.00 -12.42 9.07
N ILE B 135 10.50 -12.96 10.16
CA ILE B 135 11.31 -13.11 11.37
C ILE B 135 12.46 -14.13 11.19
N LYS B 136 12.34 -15.01 10.18
CA LYS B 136 13.32 -16.09 9.94
C LYS B 136 14.00 -15.91 8.57
N GLY B 137 14.32 -14.65 8.24
CA GLY B 137 14.94 -14.30 6.96
C GLY B 137 13.92 -14.15 5.82
N ILE B 138 14.42 -14.08 4.59
CA ILE B 138 13.52 -14.13 3.42
C ILE B 138 12.96 -15.56 3.33
N ALA B 139 11.64 -15.70 3.40
CA ALA B 139 10.98 -17.00 3.34
C ALA B 139 9.65 -16.97 2.55
N THR B 140 9.10 -18.16 2.30
CA THR B 140 7.77 -18.29 1.76
C THR B 140 6.79 -18.81 2.88
N PHE B 141 5.75 -18.02 3.16
CA PHE B 141 4.85 -18.27 4.31
C PHE B 141 3.41 -17.71 4.16
N LYS B 142 2.52 -18.26 5.00
CA LYS B 142 1.11 -17.90 4.97
C LYS B 142 0.76 -16.82 6.00
N GLN B 143 -0.39 -16.20 5.75
CA GLN B 143 -1.00 -15.22 6.65
C GLN B 143 -2.39 -15.68 7.01
N TYR B 144 -2.71 -15.67 8.28
CA TYR B 144 -4.08 -15.93 8.70
C TYR B 144 -4.70 -14.61 9.16
N TRP B 145 -5.90 -14.33 8.69
CA TRP B 145 -6.59 -13.12 9.08
C TRP B 145 -7.93 -13.42 9.73
N SER B 146 -8.26 -12.68 10.77
CA SER B 146 -9.66 -12.53 11.16
C SER B 146 -9.90 -11.03 11.10
N VAL B 147 -10.89 -10.60 10.32
CA VAL B 147 -11.12 -9.16 10.12
C VAL B 147 -12.53 -8.84 10.52
N ARG B 148 -12.71 -7.95 11.48
CA ARG B 148 -14.05 -7.72 12.00
C ARG B 148 -14.88 -7.06 10.95
N ARG B 149 -16.17 -7.39 10.89
CA ARG B 149 -17.09 -6.73 9.97
C ARG B 149 -17.31 -5.23 10.13
N SER B 150 -17.44 -4.74 11.35
CA SER B 150 -17.42 -3.28 11.58
C SER B 150 -16.34 -2.87 12.59
N LYS B 151 -15.90 -1.61 12.51
CA LYS B 151 -14.81 -1.08 13.35
C LYS B 151 -15.10 -1.05 14.84
N ARG B 152 -14.09 -1.39 15.62
CA ARG B 152 -14.16 -1.23 17.06
C ARG B 152 -12.71 -1.00 17.57
N THR B 153 -12.56 -0.14 18.59
CA THR B 153 -11.24 0.19 19.13
C THR B 153 -11.09 0.01 20.64
N SER B 154 -11.95 -0.82 21.22
CA SER B 154 -11.85 -1.27 22.64
C SER B 154 -12.73 -2.47 22.86
N GLY B 155 -12.41 -3.27 23.88
CA GLY B 155 -13.14 -4.50 24.06
C GLY B 155 -12.25 -5.65 24.46
N THR B 156 -12.74 -6.87 24.29
CA THR B 156 -11.89 -8.04 24.55
C THR B 156 -11.53 -8.79 23.23
N ILE B 157 -10.31 -9.26 23.10
CA ILE B 157 -10.06 -10.13 21.98
C ILE B 157 -9.76 -11.52 22.54
N SER B 158 -10.63 -12.49 22.24
CA SER B 158 -10.41 -13.83 22.73
C SER B 158 -9.46 -14.49 21.76
N VAL B 159 -8.18 -14.16 21.87
CA VAL B 159 -7.17 -14.65 20.95
C VAL B 159 -7.35 -16.16 20.61
N SER B 160 -7.53 -16.99 21.63
CA SER B 160 -7.49 -18.43 21.41
C SER B 160 -8.70 -18.95 20.64
N ASN B 161 -9.81 -18.22 20.76
CA ASN B 161 -11.02 -18.50 19.99
C ASN B 161 -10.73 -18.42 18.51
N HIS B 162 -9.96 -17.42 18.13
CA HIS B 162 -9.63 -17.22 16.73
C HIS B 162 -8.74 -18.38 16.28
N PHE B 163 -7.74 -18.74 17.09
CA PHE B 163 -6.82 -19.82 16.72
C PHE B 163 -7.57 -21.13 16.48
N ARG B 164 -8.36 -21.57 17.48
CA ARG B 164 -9.23 -22.77 17.35
C ARG B 164 -10.02 -22.74 16.05
N ALA B 165 -10.60 -21.58 15.72
CA ALA B 165 -11.38 -21.43 14.50
C ALA B 165 -10.49 -21.58 13.28
N TRP B 166 -9.29 -20.97 13.29
CA TRP B 166 -8.43 -21.14 12.13
C TRP B 166 -8.14 -22.64 11.94
N GLU B 167 -7.59 -23.33 12.97
CA GLU B 167 -7.32 -24.78 12.95
C GLU B 167 -8.51 -25.61 12.43
N ASN B 168 -9.69 -25.24 12.89
CA ASN B 168 -10.90 -25.91 12.48
C ASN B 168 -11.21 -25.82 11.00
N LEU B 169 -10.82 -24.72 10.36
CA LEU B 169 -11.02 -24.56 8.92
C LEU B 169 -9.78 -25.08 8.21
N GLY B 170 -8.99 -25.88 8.93
CA GLY B 170 -7.77 -26.46 8.41
C GLY B 170 -6.62 -25.50 8.13
N MET B 171 -6.54 -24.44 8.91
CA MET B 171 -5.44 -23.53 8.82
C MET B 171 -4.58 -23.81 10.03
N ASN B 172 -3.68 -24.76 9.89
CA ASN B 172 -2.86 -25.19 11.05
C ASN B 172 -1.84 -24.16 11.53
N MET B 173 -1.61 -24.17 12.83
CA MET B 173 -0.80 -23.21 13.54
C MET B 173 0.51 -23.87 13.92
N GLY B 174 1.62 -23.15 13.91
CA GLY B 174 2.88 -23.70 14.38
C GLY B 174 3.05 -23.47 15.86
N LYS B 175 4.31 -23.35 16.29
CA LYS B 175 4.62 -23.04 17.68
C LYS B 175 4.69 -21.52 17.90
N MET B 176 4.17 -21.10 19.05
CA MET B 176 3.94 -19.69 19.32
C MET B 176 5.25 -18.93 19.30
N TYR B 177 5.34 -17.90 18.45
CA TYR B 177 6.53 -17.02 18.51
C TYR B 177 6.25 -15.66 19.10
N GLU B 178 5.03 -15.16 18.87
CA GLU B 178 4.57 -13.86 19.41
C GLU B 178 3.05 -13.71 19.37
N VAL B 179 2.52 -13.02 20.39
CA VAL B 179 1.20 -12.42 20.30
C VAL B 179 1.31 -10.99 20.85
N ALA B 180 0.78 -10.00 20.13
CA ALA B 180 0.93 -8.62 20.55
C ALA B 180 -0.20 -7.71 20.06
N LEU B 181 -0.60 -6.75 20.88
CA LEU B 181 -1.50 -5.75 20.39
C LEU B 181 -0.65 -4.85 19.52
N THR B 182 -1.10 -4.60 18.30
CA THR B 182 -0.26 -3.99 17.29
C THR B 182 -0.91 -2.82 16.54
N VAL B 183 -0.11 -1.79 16.27
CA VAL B 183 -0.54 -0.78 15.31
C VAL B 183 0.37 -0.89 14.12
N GLU B 184 -0.21 -1.11 12.94
CA GLU B 184 0.55 -1.22 11.70
C GLU B 184 0.12 -0.11 10.74
N GLY B 185 1.07 0.55 10.11
CA GLY B 185 0.81 1.59 9.13
C GLY B 185 1.42 1.23 7.80
N TYR B 186 0.67 1.52 6.74
CA TYR B 186 1.11 1.35 5.33
C TYR B 186 0.89 2.63 4.51
N GLN B 187 1.99 3.23 4.07
CA GLN B 187 1.95 4.39 3.17
C GLN B 187 0.90 5.36 3.67
N SER B 188 1.12 5.78 4.92
CA SER B 188 0.19 6.61 5.69
C SER B 188 0.94 7.36 6.79
N SER B 189 0.16 8.18 7.49
CA SER B 189 0.55 8.88 8.70
C SER B 189 -0.66 8.68 9.62
N GLY B 190 -0.49 9.07 10.87
CA GLY B 190 -1.53 8.90 11.86
C GLY B 190 -0.93 8.82 13.26
N SER B 191 -1.78 8.54 14.22
CA SER B 191 -1.34 8.36 15.59
C SER B 191 -2.29 7.40 16.26
N ALA B 192 -1.80 6.74 17.27
CA ALA B 192 -2.64 5.84 18.00
C ALA B 192 -2.19 6.07 19.46
N ASN B 193 -3.14 6.08 20.39
CA ASN B 193 -2.79 6.06 21.81
C ASN B 193 -3.41 4.80 22.40
N VAL B 194 -2.59 3.90 22.90
CA VAL B 194 -3.14 2.61 23.34
C VAL B 194 -3.21 2.75 24.85
N TYR B 195 -4.33 3.33 25.31
CA TYR B 195 -4.45 3.74 26.70
C TYR B 195 -4.72 2.57 27.61
N SER B 196 -4.99 1.40 27.03
CA SER B 196 -5.28 0.21 27.82
C SER B 196 -4.93 -1.08 27.02
N ASN B 197 -4.23 -2.03 27.65
CA ASN B 197 -3.72 -3.22 26.97
C ASN B 197 -3.24 -4.23 28.02
N THR B 198 -4.03 -5.25 28.27
CA THR B 198 -3.67 -6.25 29.26
C THR B 198 -3.75 -7.60 28.61
N LEU B 199 -2.65 -8.32 28.53
CA LEU B 199 -2.66 -9.67 27.99
C LEU B 199 -2.79 -10.66 29.14
N ARG B 200 -3.82 -11.51 29.08
CA ARG B 200 -4.01 -12.58 30.08
C ARG B 200 -3.82 -13.96 29.50
N ILE B 201 -3.05 -14.78 30.23
CA ILE B 201 -2.92 -16.20 29.94
C ILE B 201 -3.64 -17.00 31.06
N ASN B 202 -4.58 -17.89 30.71
CA ASN B 202 -5.36 -18.60 31.72
C ASN B 202 -5.79 -17.66 32.86
N GLY B 203 -6.50 -16.58 32.56
CA GLY B 203 -6.90 -15.64 33.60
C GLY B 203 -5.75 -14.85 34.22
N ASN B 204 -4.50 -15.18 33.86
CA ASN B 204 -3.28 -14.63 34.47
C ASN B 204 -2.59 -13.41 33.80
N PRO B 205 -2.86 -12.17 34.26
CA PRO B 205 -2.25 -10.92 33.72
C PRO B 205 -0.73 -10.94 33.55
N LEU B 206 -0.15 -9.87 32.99
CA LEU B 206 1.28 -9.86 32.79
C LEU B 206 1.96 -8.75 33.61
#